data_8WW1
#
_entry.id   8WW1
#
_entity_poly.entity_id   1
_entity_poly.type   'polypeptide(L)'
_entity_poly.pdbx_seq_one_letter_code
;SCPPCPCTAWCLERPTCLRLVWRFCPPCAC
;
_entity_poly.pdbx_strand_id   A
#
# COMPACT_ATOMS: atom_id res chain seq x y z
N SER A 1 3.56 6.87 -6.77
CA SER A 1 2.31 7.02 -7.53
C SER A 1 1.15 7.31 -6.58
N CYS A 2 0.78 6.31 -5.78
CA CYS A 2 -0.28 6.46 -4.81
C CYS A 2 0.29 6.88 -3.46
N PRO A 3 -0.20 7.99 -2.90
CA PRO A 3 0.23 8.47 -1.59
C PRO A 3 -0.15 7.48 -0.49
N PRO A 4 0.81 7.15 0.39
CA PRO A 4 0.61 6.17 1.47
C PRO A 4 -0.68 6.42 2.27
N CYS A 5 -1.62 5.51 2.11
CA CYS A 5 -2.91 5.59 2.80
C CYS A 5 -2.71 5.54 4.31
N PRO A 6 -3.53 6.30 5.06
CA PRO A 6 -3.46 6.33 6.52
C PRO A 6 -3.86 4.99 7.16
N CYS A 7 -4.48 4.13 6.36
CA CYS A 7 -4.85 2.81 6.80
C CYS A 7 -3.85 1.79 6.29
N THR A 8 -2.72 1.77 6.94
CA THR A 8 -1.59 0.95 6.53
C THR A 8 -1.74 -0.50 6.96
N ALA A 9 -2.71 -0.78 7.83
CA ALA A 9 -2.87 -2.10 8.43
C ALA A 9 -3.12 -3.19 7.39
N TRP A 10 -3.54 -2.79 6.21
CA TRP A 10 -3.77 -3.71 5.10
C TRP A 10 -2.44 -4.23 4.51
N CYS A 11 -2.38 -4.34 3.19
CA CYS A 11 -1.22 -4.88 2.49
C CYS A 11 0.07 -4.14 2.86
N LEU A 12 -0.05 -2.86 3.19
CA LEU A 12 1.11 -2.01 3.45
C LEU A 12 1.88 -2.45 4.70
N GLU A 13 1.25 -3.23 5.57
CA GLU A 13 1.94 -3.76 6.74
C GLU A 13 2.82 -4.95 6.38
N ARG A 14 2.63 -5.45 5.17
CA ARG A 14 3.40 -6.59 4.70
C ARG A 14 4.61 -6.10 3.91
N PRO A 15 5.83 -6.37 4.41
CA PRO A 15 7.09 -5.92 3.79
C PRO A 15 7.20 -6.31 2.32
N THR A 16 6.66 -7.48 1.97
CA THR A 16 6.68 -7.95 0.59
C THR A 16 5.81 -7.08 -0.33
N CYS A 17 4.83 -6.41 0.27
CA CYS A 17 3.88 -5.61 -0.49
C CYS A 17 4.51 -4.29 -0.90
N LEU A 18 5.47 -3.83 -0.11
CA LEU A 18 6.18 -2.58 -0.39
C LEU A 18 6.99 -2.68 -1.68
N ARG A 19 7.25 -3.90 -2.11
CA ARG A 19 8.00 -4.13 -3.34
C ARG A 19 7.19 -3.68 -4.54
N LEU A 20 5.96 -4.16 -4.63
CA LEU A 20 5.13 -3.96 -5.81
C LEU A 20 4.28 -2.69 -5.70
N VAL A 21 4.16 -2.15 -4.48
CA VAL A 21 3.24 -1.04 -4.19
C VAL A 21 3.51 0.20 -5.07
N TRP A 22 4.70 0.28 -5.64
CA TRP A 22 5.06 1.37 -6.53
C TRP A 22 4.11 1.45 -7.72
N ARG A 23 3.94 0.35 -8.45
CA ARG A 23 2.98 0.28 -9.54
C ARG A 23 1.65 -0.31 -9.07
N PHE A 24 1.72 -1.29 -8.18
CA PHE A 24 0.53 -2.00 -7.72
C PHE A 24 -0.03 -1.37 -6.46
N CYS A 25 -0.42 -0.11 -6.55
CA CYS A 25 -1.03 0.57 -5.43
C CYS A 25 -2.54 0.68 -5.64
N PRO A 26 -3.32 -0.05 -4.82
CA PRO A 26 -4.78 -0.03 -4.90
C PRO A 26 -5.36 1.21 -4.23
N PRO A 27 -6.65 1.50 -4.45
CA PRO A 27 -7.31 2.64 -3.82
C PRO A 27 -7.33 2.52 -2.31
N CYS A 28 -7.09 3.64 -1.62
CA CYS A 28 -7.02 3.65 -0.17
C CYS A 28 -8.34 3.27 0.46
N ALA A 29 -8.46 2.00 0.81
CA ALA A 29 -9.66 1.50 1.46
C ALA A 29 -9.59 1.74 2.96
N CYS A 30 -9.64 3.00 3.34
CA CYS A 30 -9.59 3.39 4.74
C CYS A 30 -11.02 3.56 5.27
N SER A 1 2.16 6.72 -8.94
CA SER A 1 2.61 7.03 -7.57
C SER A 1 1.41 7.12 -6.63
N CYS A 2 1.01 5.98 -6.08
CA CYS A 2 -0.14 5.93 -5.19
C CYS A 2 0.26 6.36 -3.77
N PRO A 3 -0.64 7.07 -3.08
CA PRO A 3 -0.37 7.55 -1.72
C PRO A 3 -0.39 6.42 -0.69
N PRO A 4 0.63 6.35 0.17
CA PRO A 4 0.70 5.33 1.22
C PRO A 4 -0.28 5.63 2.36
N CYS A 5 -1.30 4.80 2.48
CA CYS A 5 -2.31 4.95 3.50
C CYS A 5 -1.75 4.61 4.87
N PRO A 6 -2.13 5.39 5.90
CA PRO A 6 -1.77 5.09 7.30
C PRO A 6 -2.41 3.79 7.76
N CYS A 7 -3.45 3.39 7.05
CA CYS A 7 -4.11 2.12 7.30
C CYS A 7 -3.36 1.02 6.59
N THR A 8 -2.20 0.72 7.13
CA THR A 8 -1.26 -0.23 6.57
C THR A 8 -1.91 -1.60 6.34
N ALA A 9 -2.95 -1.90 7.10
CA ALA A 9 -3.68 -3.16 7.00
C ALA A 9 -4.13 -3.47 5.57
N TRP A 10 -4.19 -2.45 4.72
CA TRP A 10 -4.64 -2.61 3.34
C TRP A 10 -3.68 -3.50 2.54
N CYS A 11 -2.39 -3.38 2.84
CA CYS A 11 -1.36 -4.15 2.13
C CYS A 11 0.02 -3.84 2.69
N LEU A 12 0.26 -2.58 3.03
CA LEU A 12 1.56 -2.14 3.53
C LEU A 12 1.88 -2.74 4.90
N GLU A 13 0.95 -3.48 5.45
CA GLU A 13 1.19 -4.20 6.69
C GLU A 13 2.13 -5.37 6.43
N ARG A 14 2.26 -5.71 5.15
CA ARG A 14 3.18 -6.73 4.70
C ARG A 14 4.42 -6.05 4.11
N PRO A 15 5.59 -6.27 4.75
CA PRO A 15 6.85 -5.61 4.35
C PRO A 15 7.17 -5.73 2.85
N THR A 16 6.72 -6.80 2.23
CA THR A 16 6.95 -7.02 0.81
C THR A 16 6.16 -6.03 -0.04
N CYS A 17 4.97 -5.65 0.44
CA CYS A 17 4.08 -4.77 -0.32
C CYS A 17 4.68 -3.38 -0.45
N LEU A 18 5.62 -3.05 0.42
CA LEU A 18 6.30 -1.76 0.37
C LEU A 18 7.09 -1.60 -0.93
N ARG A 19 7.41 -2.73 -1.56
CA ARG A 19 8.12 -2.72 -2.83
C ARG A 19 7.12 -2.64 -3.97
N LEU A 20 6.06 -3.44 -3.85
CA LEU A 20 5.05 -3.63 -4.90
C LEU A 20 4.27 -2.35 -5.20
N VAL A 21 4.42 -1.34 -4.34
CA VAL A 21 3.64 -0.10 -4.43
C VAL A 21 3.57 0.49 -5.83
N TRP A 22 4.63 0.33 -6.62
CA TRP A 22 4.68 0.91 -7.97
C TRP A 22 3.46 0.53 -8.82
N ARG A 23 3.27 -0.75 -9.09
CA ARG A 23 2.16 -1.21 -9.90
C ARG A 23 0.97 -1.67 -9.06
N PHE A 24 1.24 -2.26 -7.91
CA PHE A 24 0.18 -2.85 -7.09
C PHE A 24 -0.30 -1.88 -6.02
N CYS A 25 -1.05 -0.88 -6.41
CA CYS A 25 -1.60 0.07 -5.47
C CYS A 25 -3.03 0.45 -5.83
N PRO A 26 -4.00 -0.05 -5.06
CA PRO A 26 -5.41 0.29 -5.23
C PRO A 26 -5.74 1.64 -4.56
N PRO A 27 -6.97 2.15 -4.74
CA PRO A 27 -7.42 3.37 -4.06
C PRO A 27 -7.13 3.30 -2.56
N CYS A 28 -6.76 4.43 -1.97
CA CYS A 28 -6.34 4.47 -0.58
C CYS A 28 -7.46 4.03 0.35
N ALA A 29 -7.30 2.83 0.90
CA ALA A 29 -8.34 2.21 1.72
C ALA A 29 -8.28 2.69 3.16
N CYS A 30 -8.75 3.91 3.39
CA CYS A 30 -8.88 4.45 4.73
C CYS A 30 -10.24 5.10 4.92
N SER A 1 3.57 5.56 -9.32
CA SER A 1 4.12 6.20 -8.10
C SER A 1 3.00 6.43 -7.08
N CYS A 2 2.47 5.34 -6.55
CA CYS A 2 1.41 5.42 -5.56
C CYS A 2 1.96 5.87 -4.21
N PRO A 3 1.35 6.91 -3.62
CA PRO A 3 1.81 7.46 -2.34
C PRO A 3 1.43 6.57 -1.15
N PRO A 4 2.19 6.66 -0.07
CA PRO A 4 1.92 5.90 1.16
C PRO A 4 0.59 6.28 1.79
N CYS A 5 -0.40 5.41 1.64
CA CYS A 5 -1.73 5.64 2.18
C CYS A 5 -1.69 5.75 3.70
N PRO A 6 -2.47 6.69 4.26
CA PRO A 6 -2.58 6.89 5.71
C PRO A 6 -3.11 5.66 6.43
N CYS A 7 -3.95 4.90 5.73
CA CYS A 7 -4.49 3.67 6.28
C CYS A 7 -3.56 2.53 5.97
N THR A 8 -2.45 2.53 6.67
CA THR A 8 -1.38 1.55 6.49
C THR A 8 -1.84 0.11 6.77
N ALA A 9 -3.04 -0.02 7.35
CA ALA A 9 -3.66 -1.31 7.60
C ALA A 9 -3.97 -2.05 6.28
N TRP A 10 -3.87 -1.33 5.18
CA TRP A 10 -4.12 -1.90 3.86
C TRP A 10 -3.00 -2.86 3.42
N CYS A 11 -2.80 -2.96 2.10
CA CYS A 11 -1.81 -3.87 1.50
C CYS A 11 -0.42 -3.74 2.15
N LEU A 12 -0.08 -2.56 2.66
CA LEU A 12 1.25 -2.32 3.23
C LEU A 12 1.49 -3.11 4.51
N GLU A 13 0.49 -3.84 4.98
CA GLU A 13 0.72 -4.76 6.09
C GLU A 13 1.56 -5.94 5.61
N ARG A 14 1.60 -6.12 4.30
CA ARG A 14 2.43 -7.14 3.68
C ARG A 14 3.78 -6.52 3.31
N PRO A 15 4.88 -6.98 3.95
CA PRO A 15 6.23 -6.45 3.71
C PRO A 15 6.63 -6.41 2.24
N THR A 16 6.06 -7.31 1.45
CA THR A 16 6.33 -7.37 0.02
C THR A 16 5.66 -6.21 -0.71
N CYS A 17 4.52 -5.78 -0.18
CA CYS A 17 3.72 -4.75 -0.82
C CYS A 17 4.42 -3.40 -0.71
N LEU A 18 5.26 -3.24 0.32
CA LEU A 18 6.02 -2.01 0.52
C LEU A 18 6.88 -1.71 -0.70
N ARG A 19 7.34 -2.76 -1.35
CA ARG A 19 8.20 -2.63 -2.51
C ARG A 19 7.38 -2.31 -3.76
N LEU A 20 6.45 -3.19 -4.08
CA LEU A 20 5.74 -3.15 -5.35
C LEU A 20 4.69 -2.04 -5.42
N VAL A 21 4.39 -1.45 -4.26
CA VAL A 21 3.31 -0.46 -4.14
C VAL A 21 3.48 0.74 -5.07
N TRP A 22 4.66 0.92 -5.67
CA TRP A 22 4.85 2.00 -6.64
C TRP A 22 3.81 1.91 -7.75
N ARG A 23 3.67 0.71 -8.31
CA ARG A 23 2.66 0.44 -9.32
C ARG A 23 1.45 -0.21 -8.68
N PHE A 24 1.71 -1.17 -7.80
CA PHE A 24 0.67 -2.02 -7.23
C PHE A 24 0.06 -1.40 -5.98
N CYS A 25 -0.87 -0.48 -6.17
CA CYS A 25 -1.56 0.13 -5.05
C CYS A 25 -3.06 -0.14 -5.12
N PRO A 26 -3.55 -1.08 -4.30
CA PRO A 26 -4.97 -1.39 -4.20
C PRO A 26 -5.71 -0.38 -3.32
N PRO A 27 -7.05 -0.47 -3.23
CA PRO A 27 -7.85 0.39 -2.35
C PRO A 27 -7.36 0.32 -0.90
N CYS A 28 -7.47 1.42 -0.20
CA CYS A 28 -7.04 1.50 1.18
C CYS A 28 -8.09 0.89 2.11
N ALA A 29 -7.63 0.14 3.08
CA ALA A 29 -8.52 -0.48 4.05
C ALA A 29 -8.91 0.52 5.14
N CYS A 30 -9.58 1.58 4.75
CA CYS A 30 -10.02 2.60 5.69
C CYS A 30 -11.45 2.28 6.13
N SER A 1 5.49 6.17 -6.60
CA SER A 1 4.26 6.64 -7.27
C SER A 1 3.15 6.89 -6.27
N CYS A 2 2.54 5.82 -5.80
CA CYS A 2 1.46 5.92 -4.82
C CYS A 2 2.03 5.95 -3.40
N PRO A 3 1.65 6.94 -2.60
CA PRO A 3 2.08 7.07 -1.21
C PRO A 3 1.46 6.00 -0.32
N PRO A 4 2.20 5.51 0.69
CA PRO A 4 1.67 4.55 1.66
C PRO A 4 0.43 5.08 2.38
N CYS A 5 -0.66 4.35 2.23
CA CYS A 5 -1.93 4.73 2.85
C CYS A 5 -1.83 4.69 4.36
N PRO A 6 -2.60 5.55 5.07
CA PRO A 6 -2.63 5.58 6.53
C PRO A 6 -3.30 4.35 7.12
N CYS A 7 -3.84 3.52 6.24
CA CYS A 7 -4.43 2.26 6.62
C CYS A 7 -3.59 1.16 6.02
N THR A 8 -2.56 0.78 6.75
CA THR A 8 -1.58 -0.17 6.27
C THR A 8 -1.99 -1.61 6.51
N ALA A 9 -2.89 -1.85 7.46
CA ALA A 9 -3.26 -3.20 7.87
C ALA A 9 -3.83 -4.02 6.71
N TRP A 10 -4.24 -3.34 5.65
CA TRP A 10 -4.82 -3.99 4.49
C TRP A 10 -3.79 -4.84 3.74
N CYS A 11 -2.54 -4.43 3.81
CA CYS A 11 -1.46 -5.10 3.08
C CYS A 11 -0.11 -4.44 3.38
N LEU A 12 -0.11 -3.11 3.40
CA LEU A 12 1.11 -2.32 3.57
C LEU A 12 1.74 -2.50 4.96
N GLU A 13 1.08 -3.24 5.83
CA GLU A 13 1.67 -3.58 7.11
C GLU A 13 2.81 -4.58 6.93
N ARG A 14 2.80 -5.24 5.78
CA ARG A 14 3.85 -6.16 5.41
C ARG A 14 4.81 -5.48 4.43
N PRO A 15 6.10 -5.39 4.81
CA PRO A 15 7.13 -4.67 4.04
C PRO A 15 7.17 -5.02 2.56
N THR A 16 6.89 -6.28 2.22
CA THR A 16 6.92 -6.73 0.83
C THR A 16 5.86 -6.01 -0.01
N CYS A 17 4.76 -5.64 0.64
CA CYS A 17 3.66 -4.98 -0.05
C CYS A 17 4.05 -3.56 -0.47
N LEU A 18 5.03 -2.99 0.24
CA LEU A 18 5.52 -1.65 -0.04
C LEU A 18 6.24 -1.59 -1.38
N ARG A 19 6.75 -2.73 -1.81
CA ARG A 19 7.47 -2.79 -3.07
C ARG A 19 6.50 -2.75 -4.23
N LEU A 20 5.48 -3.60 -4.17
CA LEU A 20 4.49 -3.76 -5.25
C LEU A 20 3.75 -2.46 -5.56
N VAL A 21 3.85 -1.49 -4.66
CA VAL A 21 3.12 -0.23 -4.77
C VAL A 21 3.41 0.51 -6.10
N TRP A 22 4.56 0.21 -6.73
CA TRP A 22 4.93 0.92 -7.96
C TRP A 22 3.85 0.81 -9.03
N ARG A 23 3.57 -0.40 -9.49
CA ARG A 23 2.53 -0.63 -10.47
C ARG A 23 1.21 -1.02 -9.82
N PHE A 24 1.28 -1.64 -8.65
CA PHE A 24 0.10 -2.14 -7.97
C PHE A 24 -0.21 -1.33 -6.73
N CYS A 25 -0.89 -0.20 -6.91
CA CYS A 25 -1.34 0.60 -5.79
C CYS A 25 -2.81 0.96 -5.93
N PRO A 26 -3.67 0.20 -5.26
CA PRO A 26 -5.12 0.37 -5.32
C PRO A 26 -5.62 1.49 -4.39
N PRO A 27 -6.90 1.85 -4.49
CA PRO A 27 -7.53 2.84 -3.60
C PRO A 27 -7.37 2.46 -2.13
N CYS A 28 -6.90 3.42 -1.33
CA CYS A 28 -6.63 3.17 0.08
C CYS A 28 -7.90 2.79 0.83
N ALA A 29 -7.84 1.67 1.54
CA ALA A 29 -8.97 1.17 2.31
C ALA A 29 -9.12 1.95 3.62
N CYS A 30 -9.49 3.21 3.49
CA CYS A 30 -9.68 4.09 4.63
C CYS A 30 -11.08 4.68 4.61
N SER A 1 1.58 4.63 -8.16
CA SER A 1 1.50 5.96 -7.52
C SER A 1 0.10 6.19 -6.95
N CYS A 2 -0.29 5.37 -5.98
CA CYS A 2 -1.59 5.49 -5.33
C CYS A 2 -1.46 6.34 -4.07
N PRO A 3 -2.57 6.93 -3.58
CA PRO A 3 -2.57 7.71 -2.34
C PRO A 3 -2.12 6.86 -1.14
N PRO A 4 -1.14 7.34 -0.37
CA PRO A 4 -0.65 6.63 0.81
C PRO A 4 -1.64 6.71 1.97
N CYS A 5 -2.03 5.57 2.48
CA CYS A 5 -2.96 5.51 3.61
C CYS A 5 -2.22 5.71 4.92
N PRO A 6 -2.82 6.47 5.86
CA PRO A 6 -2.31 6.57 7.23
C PRO A 6 -2.63 5.30 8.03
N CYS A 7 -2.76 4.20 7.32
CA CYS A 7 -3.05 2.90 7.90
C CYS A 7 -2.50 1.82 6.98
N THR A 8 -1.36 1.29 7.36
CA THR A 8 -0.64 0.31 6.56
C THR A 8 -1.42 -1.00 6.37
N ALA A 9 -2.51 -1.17 7.13
CA ALA A 9 -3.34 -2.36 7.07
C ALA A 9 -3.92 -2.60 5.66
N TRP A 10 -3.87 -1.57 4.82
CA TRP A 10 -4.41 -1.67 3.46
C TRP A 10 -3.62 -2.68 2.60
N CYS A 11 -2.31 -2.68 2.75
CA CYS A 11 -1.44 -3.50 1.91
C CYS A 11 -0.02 -3.48 2.44
N LEU A 12 0.43 -2.30 2.87
CA LEU A 12 1.79 -2.11 3.38
C LEU A 12 2.03 -2.86 4.68
N GLU A 13 1.01 -3.54 5.18
CA GLU A 13 1.17 -4.38 6.35
C GLU A 13 1.97 -5.63 5.99
N ARG A 14 2.02 -5.91 4.68
CA ARG A 14 2.74 -7.07 4.17
C ARG A 14 4.02 -6.64 3.48
N PRO A 15 5.17 -7.16 3.97
CA PRO A 15 6.51 -6.83 3.46
C PRO A 15 6.65 -6.89 1.93
N THR A 16 5.88 -7.74 1.28
CA THR A 16 5.91 -7.85 -0.17
C THR A 16 5.38 -6.57 -0.82
N CYS A 17 4.34 -6.02 -0.25
CA CYS A 17 3.69 -4.83 -0.77
C CYS A 17 4.55 -3.60 -0.56
N LEU A 18 5.47 -3.68 0.41
CA LEU A 18 6.37 -2.58 0.73
C LEU A 18 7.15 -2.14 -0.51
N ARG A 19 7.52 -3.12 -1.32
CA ARG A 19 8.30 -2.84 -2.51
C ARG A 19 7.39 -2.53 -3.67
N LEU A 20 6.52 -3.47 -3.98
CA LEU A 20 5.73 -3.45 -5.20
C LEU A 20 4.73 -2.30 -5.25
N VAL A 21 4.51 -1.66 -4.09
CA VAL A 21 3.53 -0.60 -3.95
C VAL A 21 3.70 0.52 -4.99
N TRP A 22 4.89 0.66 -5.57
CA TRP A 22 5.10 1.68 -6.60
C TRP A 22 4.12 1.51 -7.77
N ARG A 23 4.11 0.33 -8.36
CA ARG A 23 3.20 0.03 -9.46
C ARG A 23 1.94 -0.66 -8.93
N PHE A 24 2.15 -1.65 -8.07
CA PHE A 24 1.05 -2.47 -7.58
C PHE A 24 0.54 -1.95 -6.24
N CYS A 25 -0.33 -0.95 -6.33
CA CYS A 25 -0.92 -0.35 -5.15
C CYS A 25 -2.44 -0.36 -5.28
N PRO A 26 -3.14 -0.92 -4.28
CA PRO A 26 -4.59 -0.96 -4.27
C PRO A 26 -5.20 0.39 -3.87
N PRO A 27 -6.53 0.55 -3.97
CA PRO A 27 -7.21 1.76 -3.54
C PRO A 27 -6.95 2.05 -2.07
N CYS A 28 -6.75 3.32 -1.73
CA CYS A 28 -6.47 3.70 -0.37
C CYS A 28 -7.75 3.69 0.47
N ALA A 29 -8.02 2.56 1.09
CA ALA A 29 -9.19 2.41 1.94
C ALA A 29 -8.84 2.75 3.37
N CYS A 30 -8.88 4.03 3.70
CA CYS A 30 -8.48 4.48 5.03
C CYS A 30 -9.40 5.59 5.50
N SER A 1 4.35 8.07 -7.01
CA SER A 1 3.03 8.61 -7.42
C SER A 1 1.92 8.04 -6.55
N CYS A 2 2.01 6.76 -6.24
CA CYS A 2 1.01 6.10 -5.41
C CYS A 2 1.12 6.59 -3.97
N PRO A 3 -0.02 7.04 -3.38
CA PRO A 3 -0.03 7.60 -2.03
C PRO A 3 0.21 6.55 -0.95
N PRO A 4 1.14 6.82 -0.04
CA PRO A 4 1.40 5.95 1.11
C PRO A 4 0.42 6.20 2.25
N CYS A 5 -0.73 5.54 2.17
CA CYS A 5 -1.77 5.67 3.17
C CYS A 5 -1.29 5.15 4.52
N PRO A 6 -1.71 5.79 5.62
CA PRO A 6 -1.41 5.32 6.98
C PRO A 6 -2.23 4.08 7.32
N CYS A 7 -3.26 3.85 6.52
CA CYS A 7 -4.13 2.70 6.68
C CYS A 7 -3.48 1.48 6.01
N THR A 8 -2.35 1.12 6.54
CA THR A 8 -1.52 0.07 5.98
C THR A 8 -1.99 -1.34 6.37
N ALA A 9 -2.85 -1.43 7.37
CA ALA A 9 -3.31 -2.72 7.90
C ALA A 9 -3.84 -3.65 6.82
N TRP A 10 -4.37 -3.05 5.76
CA TRP A 10 -4.97 -3.80 4.66
C TRP A 10 -3.97 -4.76 3.98
N CYS A 11 -2.73 -4.33 3.86
CA CYS A 11 -1.70 -5.13 3.17
C CYS A 11 -0.33 -4.47 3.34
N LEU A 12 -0.31 -3.15 3.26
CA LEU A 12 0.94 -2.39 3.30
C LEU A 12 1.63 -2.48 4.67
N GLU A 13 1.00 -3.14 5.62
CA GLU A 13 1.62 -3.36 6.91
C GLU A 13 2.76 -4.37 6.80
N ARG A 14 2.80 -5.04 5.65
CA ARG A 14 3.87 -5.98 5.35
C ARG A 14 4.76 -5.40 4.25
N PRO A 15 6.06 -5.24 4.55
CA PRO A 15 7.05 -4.66 3.63
C PRO A 15 7.02 -5.27 2.23
N THR A 16 6.65 -6.54 2.12
CA THR A 16 6.59 -7.21 0.83
C THR A 16 5.48 -6.62 -0.05
N CYS A 17 4.42 -6.16 0.60
CA CYS A 17 3.30 -5.55 -0.11
C CYS A 17 3.65 -4.12 -0.51
N LEU A 18 4.45 -3.47 0.34
CA LEU A 18 4.89 -2.10 0.09
C LEU A 18 5.80 -2.01 -1.12
N ARG A 19 6.54 -3.07 -1.37
CA ARG A 19 7.51 -3.09 -2.46
C ARG A 19 6.83 -3.11 -3.82
N LEU A 20 5.59 -3.59 -3.88
CA LEU A 20 4.87 -3.70 -5.14
C LEU A 20 4.09 -2.41 -5.46
N VAL A 21 3.94 -1.54 -4.46
CA VAL A 21 3.11 -0.34 -4.57
C VAL A 21 3.48 0.53 -5.77
N TRP A 22 4.76 0.55 -6.11
CA TRP A 22 5.26 1.36 -7.22
C TRP A 22 4.42 1.16 -8.50
N ARG A 23 4.20 -0.08 -8.89
CA ARG A 23 3.34 -0.38 -10.01
C ARG A 23 1.91 -0.68 -9.55
N PHE A 24 1.80 -1.55 -8.56
CA PHE A 24 0.52 -2.09 -8.15
C PHE A 24 -0.01 -1.36 -6.91
N CYS A 25 -0.65 -0.23 -7.12
CA CYS A 25 -1.24 0.51 -6.02
C CYS A 25 -2.73 0.69 -6.22
N PRO A 26 -3.53 -0.06 -5.48
CA PRO A 26 -4.98 0.09 -5.45
C PRO A 26 -5.42 1.11 -4.39
N PRO A 27 -6.71 1.50 -4.39
CA PRO A 27 -7.23 2.41 -3.36
C PRO A 27 -7.17 1.78 -1.97
N CYS A 28 -6.58 2.50 -1.03
CA CYS A 28 -6.40 1.98 0.32
C CYS A 28 -7.69 2.05 1.11
N ALA A 29 -8.02 0.97 1.80
CA ALA A 29 -9.22 0.91 2.62
C ALA A 29 -8.98 1.60 3.95
N CYS A 30 -9.46 2.82 4.06
CA CYS A 30 -9.33 3.59 5.28
C CYS A 30 -10.68 3.71 5.98
N SER A 1 5.39 6.60 -7.24
CA SER A 1 4.28 6.56 -8.21
C SER A 1 2.95 6.72 -7.48
N CYS A 2 2.57 5.71 -6.70
CA CYS A 2 1.36 5.78 -5.89
C CYS A 2 1.62 6.53 -4.59
N PRO A 3 0.68 7.37 -4.16
CA PRO A 3 0.79 8.11 -2.91
C PRO A 3 0.66 7.19 -1.70
N PRO A 4 1.18 7.61 -0.53
CA PRO A 4 1.05 6.85 0.73
C PRO A 4 -0.40 6.81 1.22
N CYS A 5 -0.64 6.05 2.28
CA CYS A 5 -1.98 5.90 2.79
C CYS A 5 -1.97 5.90 4.32
N PRO A 6 -2.92 6.64 4.94
CA PRO A 6 -3.08 6.68 6.40
C PRO A 6 -3.55 5.35 6.96
N CYS A 7 -3.90 4.44 6.06
CA CYS A 7 -4.33 3.11 6.44
C CYS A 7 -3.38 2.09 5.88
N THR A 8 -2.32 1.84 6.63
CA THR A 8 -1.26 0.93 6.23
C THR A 8 -1.77 -0.49 5.97
N ALA A 9 -2.94 -0.81 6.51
CA ALA A 9 -3.54 -2.13 6.37
C ALA A 9 -3.91 -2.43 4.92
N TRP A 10 -3.92 -1.40 4.09
CA TRP A 10 -4.28 -1.52 2.67
C TRP A 10 -3.38 -2.52 1.94
N CYS A 11 -2.11 -2.57 2.33
CA CYS A 11 -1.14 -3.44 1.67
C CYS A 11 0.23 -3.28 2.31
N LEU A 12 0.54 -2.08 2.79
CA LEU A 12 1.84 -1.81 3.41
C LEU A 12 2.01 -2.55 4.72
N GLU A 13 0.97 -3.22 5.18
CA GLU A 13 1.07 -4.04 6.37
C GLU A 13 1.76 -5.37 6.05
N ARG A 14 2.00 -5.60 4.78
CA ARG A 14 2.68 -6.81 4.32
C ARG A 14 4.02 -6.46 3.70
N PRO A 15 5.12 -6.96 4.32
CA PRO A 15 6.50 -6.61 3.95
C PRO A 15 6.82 -6.73 2.46
N THR A 16 6.20 -7.69 1.78
CA THR A 16 6.45 -7.91 0.38
C THR A 16 5.85 -6.79 -0.47
N CYS A 17 4.69 -6.28 -0.04
CA CYS A 17 3.99 -5.25 -0.80
C CYS A 17 4.79 -3.96 -0.83
N LEU A 18 5.70 -3.78 0.14
CA LEU A 18 6.56 -2.60 0.20
C LEU A 18 7.29 -2.37 -1.12
N ARG A 19 7.51 -3.45 -1.85
CA ARG A 19 8.25 -3.39 -3.11
C ARG A 19 7.33 -3.06 -4.28
N LEU A 20 6.18 -3.72 -4.35
CA LEU A 20 5.29 -3.60 -5.51
C LEU A 20 4.28 -2.45 -5.36
N VAL A 21 4.14 -1.94 -4.13
CA VAL A 21 3.13 -0.92 -3.82
C VAL A 21 3.32 0.36 -4.64
N TRP A 22 4.52 0.53 -5.21
CA TRP A 22 4.83 1.71 -6.01
C TRP A 22 3.85 1.86 -7.17
N ARG A 23 3.66 0.81 -7.95
CA ARG A 23 2.67 0.80 -9.01
C ARG A 23 1.36 0.21 -8.54
N PHE A 24 1.46 -0.86 -7.77
CA PHE A 24 0.30 -1.64 -7.37
C PHE A 24 -0.23 -1.18 -6.03
N CYS A 25 -0.86 -0.02 -6.04
CA CYS A 25 -1.49 0.52 -4.85
C CYS A 25 -2.96 0.18 -4.84
N PRO A 26 -3.40 -0.68 -3.90
CA PRO A 26 -4.80 -1.10 -3.80
C PRO A 26 -5.64 -0.06 -3.06
N PRO A 27 -6.96 -0.24 -3.04
CA PRO A 27 -7.87 0.69 -2.36
C PRO A 27 -7.69 0.65 -0.85
N CYS A 28 -7.50 1.82 -0.25
CA CYS A 28 -7.36 1.93 1.20
C CYS A 28 -8.65 1.54 1.89
N ALA A 29 -8.68 0.34 2.46
CA ALA A 29 -9.84 -0.13 3.20
C ALA A 29 -9.84 0.44 4.60
N CYS A 30 -10.25 1.70 4.71
CA CYS A 30 -10.25 2.40 5.98
C CYS A 30 -11.62 2.27 6.65
N SER A 1 3.85 7.90 -8.94
CA SER A 1 4.05 7.92 -7.48
C SER A 1 2.70 7.78 -6.77
N CYS A 2 2.37 6.55 -6.40
CA CYS A 2 1.11 6.26 -5.71
C CYS A 2 1.14 6.78 -4.28
N PRO A 3 0.10 7.53 -3.88
CA PRO A 3 0.02 8.10 -2.53
C PRO A 3 -0.23 7.05 -1.46
N PRO A 4 0.55 7.08 -0.36
CA PRO A 4 0.41 6.13 0.73
C PRO A 4 -0.84 6.38 1.56
N CYS A 5 -1.32 5.33 2.21
CA CYS A 5 -2.54 5.42 3.01
C CYS A 5 -2.21 5.28 4.49
N PRO A 6 -2.64 6.28 5.30
CA PRO A 6 -2.56 6.22 6.76
C PRO A 6 -3.13 4.93 7.33
N CYS A 7 -4.11 4.37 6.62
CA CYS A 7 -4.64 3.06 6.96
C CYS A 7 -3.69 1.98 6.50
N THR A 8 -2.54 1.98 7.13
CA THR A 8 -1.40 1.13 6.79
C THR A 8 -1.70 -0.37 6.92
N ALA A 9 -2.86 -0.69 7.50
CA ALA A 9 -3.30 -2.07 7.62
C ALA A 9 -3.56 -2.71 6.25
N TRP A 10 -3.62 -1.88 5.21
CA TRP A 10 -3.76 -2.36 3.84
C TRP A 10 -2.47 -3.04 3.36
N CYS A 11 -2.26 -3.04 2.05
CA CYS A 11 -1.09 -3.64 1.40
C CYS A 11 0.23 -3.35 2.15
N LEU A 12 0.37 -2.16 2.71
CA LEU A 12 1.62 -1.76 3.37
C LEU A 12 1.90 -2.56 4.65
N GLU A 13 0.93 -3.36 5.10
CA GLU A 13 1.14 -4.16 6.30
C GLU A 13 2.09 -5.33 6.00
N ARG A 14 2.23 -5.65 4.73
CA ARG A 14 3.10 -6.73 4.30
C ARG A 14 4.33 -6.13 3.61
N PRO A 15 5.54 -6.42 4.15
CA PRO A 15 6.79 -5.85 3.61
C PRO A 15 7.01 -6.18 2.14
N THR A 16 6.43 -7.28 1.70
CA THR A 16 6.50 -7.70 0.31
C THR A 16 5.63 -6.80 -0.55
N CYS A 17 4.36 -6.70 -0.18
CA CYS A 17 3.39 -5.86 -0.88
C CYS A 17 3.80 -4.39 -0.78
N LEU A 18 4.36 -4.04 0.38
CA LEU A 18 4.84 -2.68 0.66
C LEU A 18 5.73 -2.17 -0.47
N ARG A 19 6.57 -3.05 -0.98
CA ARG A 19 7.46 -2.70 -2.06
C ARG A 19 6.70 -2.60 -3.37
N LEU A 20 5.88 -3.61 -3.66
CA LEU A 20 5.18 -3.74 -4.94
C LEU A 20 4.26 -2.54 -5.24
N VAL A 21 3.99 -1.73 -4.23
CA VAL A 21 3.10 -0.58 -4.37
C VAL A 21 3.52 0.36 -5.51
N TRP A 22 4.81 0.35 -5.88
CA TRP A 22 5.29 1.20 -6.96
C TRP A 22 4.43 1.02 -8.22
N ARG A 23 4.21 -0.21 -8.61
CA ARG A 23 3.39 -0.52 -9.77
C ARG A 23 1.96 -0.82 -9.36
N PHE A 24 1.82 -1.52 -8.24
CA PHE A 24 0.54 -2.04 -7.82
C PHE A 24 0.06 -1.36 -6.55
N CYS A 25 -0.58 -0.21 -6.73
CA CYS A 25 -1.11 0.53 -5.61
C CYS A 25 -2.63 0.45 -5.58
N PRO A 26 -3.17 -0.32 -4.63
CA PRO A 26 -4.61 -0.47 -4.44
C PRO A 26 -5.22 0.71 -3.65
N PRO A 27 -6.55 0.76 -3.49
CA PRO A 27 -7.22 1.78 -2.70
C PRO A 27 -6.94 1.61 -1.21
N CYS A 28 -7.08 2.70 -0.46
CA CYS A 28 -6.84 2.69 0.97
C CYS A 28 -7.89 1.86 1.69
N ALA A 29 -7.45 0.85 2.42
CA ALA A 29 -8.36 0.00 3.17
C ALA A 29 -8.74 0.64 4.50
N CYS A 30 -9.70 1.55 4.45
CA CYS A 30 -10.15 2.25 5.63
C CYS A 30 -11.60 1.89 5.93
N SER A 1 2.95 7.92 -7.54
CA SER A 1 1.60 8.52 -7.44
C SER A 1 0.72 7.77 -6.44
N CYS A 2 1.34 7.01 -5.56
CA CYS A 2 0.62 6.25 -4.54
C CYS A 2 0.50 7.06 -3.26
N PRO A 3 -0.73 7.34 -2.81
CA PRO A 3 -0.96 8.17 -1.62
C PRO A 3 -0.57 7.47 -0.33
N PRO A 4 0.19 8.16 0.54
CA PRO A 4 0.55 7.65 1.87
C PRO A 4 -0.60 7.76 2.85
N CYS A 5 -1.50 6.79 2.80
CA CYS A 5 -2.71 6.82 3.61
C CYS A 5 -2.48 6.17 4.97
N PRO A 6 -3.28 6.55 5.98
CA PRO A 6 -3.28 5.90 7.30
C PRO A 6 -4.09 4.60 7.28
N CYS A 7 -4.01 3.89 6.16
CA CYS A 7 -4.77 2.68 5.93
C CYS A 7 -3.85 1.46 6.02
N THR A 8 -2.70 1.69 6.63
CA THR A 8 -1.59 0.73 6.68
C THR A 8 -1.96 -0.64 7.24
N ALA A 9 -3.16 -0.77 7.79
CA ALA A 9 -3.63 -2.04 8.34
C ALA A 9 -3.75 -3.14 7.28
N TRP A 10 -3.80 -2.75 6.01
CA TRP A 10 -3.92 -3.72 4.92
C TRP A 10 -2.55 -4.26 4.48
N CYS A 11 -2.45 -4.68 3.22
CA CYS A 11 -1.24 -5.33 2.69
C CYS A 11 0.02 -4.50 2.93
N LEU A 12 -0.15 -3.19 3.06
CA LEU A 12 0.96 -2.27 3.24
C LEU A 12 1.73 -2.53 4.55
N GLU A 13 1.22 -3.42 5.39
CA GLU A 13 1.91 -3.77 6.63
C GLU A 13 3.11 -4.66 6.33
N ARG A 14 3.12 -5.28 5.15
CA ARG A 14 4.17 -6.22 4.79
C ARG A 14 5.18 -5.58 3.84
N PRO A 15 6.46 -5.55 4.23
CA PRO A 15 7.54 -5.00 3.40
C PRO A 15 7.62 -5.67 2.03
N THR A 16 7.33 -6.97 1.99
CA THR A 16 7.27 -7.71 0.75
C THR A 16 6.22 -7.13 -0.18
N CYS A 17 5.08 -6.75 0.40
CA CYS A 17 3.97 -6.18 -0.37
C CYS A 17 4.39 -4.83 -0.95
N LEU A 18 5.14 -4.07 -0.17
CA LEU A 18 5.62 -2.74 -0.59
C LEU A 18 6.40 -2.81 -1.90
N ARG A 19 7.04 -3.95 -2.13
CA ARG A 19 7.89 -4.12 -3.29
C ARG A 19 7.08 -4.18 -4.58
N LEU A 20 5.81 -4.57 -4.48
CA LEU A 20 4.90 -4.53 -5.63
C LEU A 20 4.10 -3.22 -5.65
N VAL A 21 3.92 -2.62 -4.47
CA VAL A 21 3.07 -1.43 -4.30
C VAL A 21 3.47 -0.28 -5.22
N TRP A 22 4.76 -0.17 -5.51
CA TRP A 22 5.27 0.88 -6.41
C TRP A 22 4.43 1.00 -7.68
N ARG A 23 4.19 -0.12 -8.36
CA ARG A 23 3.36 -0.14 -9.54
C ARG A 23 1.91 -0.51 -9.20
N PHE A 24 1.74 -1.34 -8.19
CA PHE A 24 0.41 -1.81 -7.80
C PHE A 24 -0.04 -1.18 -6.49
N CYS A 25 -0.47 0.06 -6.55
CA CYS A 25 -1.04 0.72 -5.39
C CYS A 25 -2.48 1.09 -5.64
N PRO A 26 -3.42 0.35 -5.04
CA PRO A 26 -4.85 0.59 -5.19
C PRO A 26 -5.33 1.75 -4.31
N PRO A 27 -6.55 2.24 -4.56
CA PRO A 27 -7.16 3.29 -3.74
C PRO A 27 -7.31 2.85 -2.30
N CYS A 28 -6.82 3.68 -1.38
CA CYS A 28 -6.80 3.35 0.03
C CYS A 28 -8.20 3.05 0.55
N ALA A 29 -8.43 1.79 0.92
CA ALA A 29 -9.74 1.34 1.38
C ALA A 29 -9.95 1.67 2.85
N CYS A 30 -9.78 2.94 3.18
CA CYS A 30 -10.00 3.42 4.54
C CYS A 30 -10.52 4.85 4.47
N SER A 1 2.63 7.85 -6.25
CA SER A 1 2.92 6.90 -5.15
C SER A 1 1.64 6.56 -4.40
N CYS A 2 1.65 5.45 -3.67
CA CYS A 2 0.49 5.03 -2.91
C CYS A 2 0.15 6.05 -1.83
N PRO A 3 -1.12 6.47 -1.77
CA PRO A 3 -1.57 7.53 -0.86
C PRO A 3 -1.33 7.20 0.60
N PRO A 4 -0.86 8.18 1.40
CA PRO A 4 -0.63 8.00 2.83
C PRO A 4 -1.93 7.87 3.61
N CYS A 5 -2.50 6.68 3.56
CA CYS A 5 -3.74 6.40 4.26
C CYS A 5 -3.46 6.17 5.74
N PRO A 6 -4.34 6.71 6.61
CA PRO A 6 -4.25 6.50 8.06
C PRO A 6 -4.51 5.03 8.41
N CYS A 7 -5.07 4.30 7.47
CA CYS A 7 -5.32 2.88 7.64
C CYS A 7 -4.13 2.07 7.18
N THR A 8 -3.08 2.18 7.94
CA THR A 8 -1.80 1.54 7.65
C THR A 8 -1.88 0.02 7.77
N ALA A 9 -2.97 -0.46 8.32
CA ALA A 9 -3.20 -1.89 8.53
C ALA A 9 -3.37 -2.65 7.22
N TRP A 10 -3.56 -1.92 6.12
CA TRP A 10 -3.80 -2.51 4.80
C TRP A 10 -2.56 -3.26 4.27
N CYS A 11 -2.50 -3.44 2.95
CA CYS A 11 -1.46 -4.25 2.30
C CYS A 11 -0.05 -3.86 2.74
N LEU A 12 0.14 -2.59 3.12
CA LEU A 12 1.45 -2.08 3.48
C LEU A 12 2.00 -2.69 4.78
N GLU A 13 1.18 -3.48 5.46
CA GLU A 13 1.68 -4.25 6.61
C GLU A 13 2.52 -5.43 6.15
N ARG A 14 2.44 -5.73 4.86
CA ARG A 14 3.26 -6.78 4.27
C ARG A 14 4.43 -6.17 3.50
N PRO A 15 5.66 -6.38 4.00
CA PRO A 15 6.88 -5.77 3.44
C PRO A 15 7.04 -5.94 1.94
N THR A 16 6.63 -7.08 1.40
CA THR A 16 6.73 -7.34 -0.03
C THR A 16 5.81 -6.41 -0.82
N CYS A 17 4.72 -5.98 -0.19
CA CYS A 17 3.73 -5.12 -0.83
C CYS A 17 4.35 -3.76 -1.11
N LEU A 18 5.21 -3.31 -0.19
CA LEU A 18 5.88 -2.01 -0.31
C LEU A 18 6.76 -1.94 -1.54
N ARG A 19 7.13 -3.11 -2.06
CA ARG A 19 7.91 -3.16 -3.27
C ARG A 19 6.99 -3.17 -4.48
N LEU A 20 6.09 -4.16 -4.51
CA LEU A 20 5.26 -4.45 -5.68
C LEU A 20 4.36 -3.28 -6.08
N VAL A 21 4.20 -2.31 -5.17
CA VAL A 21 3.36 -1.15 -5.41
C VAL A 21 3.84 -0.29 -6.59
N TRP A 22 5.06 -0.53 -7.09
CA TRP A 22 5.52 0.18 -8.28
C TRP A 22 4.49 0.05 -9.40
N ARG A 23 4.10 -1.18 -9.69
CA ARG A 23 3.06 -1.45 -10.66
C ARG A 23 1.71 -1.62 -9.97
N PHE A 24 1.69 -2.44 -8.93
CA PHE A 24 0.45 -2.83 -8.28
C PHE A 24 0.20 -1.99 -7.03
N CYS A 25 -0.01 -0.70 -7.23
CA CYS A 25 -0.32 0.18 -6.11
C CYS A 25 -1.82 0.20 -5.87
N PRO A 26 -2.23 -0.09 -4.62
CA PRO A 26 -3.63 -0.15 -4.23
C PRO A 26 -4.23 1.24 -3.98
N PRO A 27 -5.56 1.31 -3.98
CA PRO A 27 -6.29 2.54 -3.68
C PRO A 27 -6.40 2.74 -2.17
N CYS A 28 -6.61 3.98 -1.73
CA CYS A 28 -6.67 4.29 -0.31
C CYS A 28 -7.83 3.55 0.36
N ALA A 29 -7.51 2.46 1.05
CA ALA A 29 -8.52 1.60 1.64
C ALA A 29 -8.88 2.06 3.05
N CYS A 30 -9.70 3.08 3.15
CA CYS A 30 -10.21 3.55 4.43
C CYS A 30 -11.72 3.68 4.38
N SER A 1 4.11 5.62 -9.02
CA SER A 1 4.13 5.04 -7.65
C SER A 1 3.17 5.81 -6.75
N CYS A 2 2.39 5.08 -5.97
CA CYS A 2 1.40 5.71 -5.11
C CYS A 2 1.96 5.94 -3.70
N PRO A 3 1.70 7.13 -3.14
CA PRO A 3 2.19 7.51 -1.81
C PRO A 3 1.50 6.74 -0.70
N PRO A 4 2.13 6.68 0.50
CA PRO A 4 1.59 5.95 1.65
C PRO A 4 0.24 6.48 2.11
N CYS A 5 -0.71 5.58 2.24
CA CYS A 5 -2.06 5.92 2.67
C CYS A 5 -2.10 6.00 4.19
N PRO A 6 -2.87 6.95 4.75
CA PRO A 6 -3.08 7.06 6.20
C PRO A 6 -3.73 5.81 6.77
N CYS A 7 -4.31 5.00 5.89
CA CYS A 7 -4.90 3.73 6.25
C CYS A 7 -3.90 2.61 6.04
N THR A 8 -2.93 2.58 6.91
CA THR A 8 -1.78 1.67 6.82
C THR A 8 -2.19 0.20 6.90
N ALA A 9 -3.41 -0.07 7.38
CA ALA A 9 -3.92 -1.43 7.52
C ALA A 9 -4.07 -2.13 6.18
N TRP A 10 -3.97 -1.38 5.09
CA TRP A 10 -4.14 -1.93 3.75
C TRP A 10 -2.97 -2.84 3.34
N CYS A 11 -2.73 -2.95 2.03
CA CYS A 11 -1.73 -3.87 1.47
C CYS A 11 -0.35 -3.76 2.13
N LEU A 12 0.02 -2.56 2.59
CA LEU A 12 1.36 -2.31 3.14
C LEU A 12 1.62 -3.07 4.45
N GLU A 13 0.62 -3.79 4.93
CA GLU A 13 0.81 -4.68 6.07
C GLU A 13 1.67 -5.87 5.67
N ARG A 14 1.78 -6.09 4.37
CA ARG A 14 2.65 -7.13 3.83
C ARG A 14 3.97 -6.51 3.39
N PRO A 15 5.10 -7.02 3.96
CA PRO A 15 6.45 -6.49 3.70
C PRO A 15 6.80 -6.40 2.22
N THR A 16 6.23 -7.30 1.42
CA THR A 16 6.50 -7.33 -0.01
C THR A 16 5.83 -6.17 -0.71
N CYS A 17 4.67 -5.78 -0.20
CA CYS A 17 3.87 -4.73 -0.82
C CYS A 17 4.54 -3.37 -0.69
N LEU A 18 5.41 -3.23 0.31
CA LEU A 18 6.15 -1.99 0.54
C LEU A 18 6.90 -1.57 -0.71
N ARG A 19 7.46 -2.55 -1.40
CA ARG A 19 8.17 -2.28 -2.64
C ARG A 19 7.20 -2.24 -3.81
N LEU A 20 6.45 -3.32 -3.99
CA LEU A 20 5.60 -3.51 -5.18
C LEU A 20 4.56 -2.40 -5.37
N VAL A 21 4.34 -1.60 -4.33
CA VAL A 21 3.31 -0.56 -4.35
C VAL A 21 3.54 0.48 -5.46
N TRP A 22 4.72 0.49 -6.08
CA TRP A 22 4.98 1.41 -7.18
C TRP A 22 3.95 1.22 -8.31
N ARG A 23 3.80 0.00 -8.80
CA ARG A 23 2.80 -0.31 -9.81
C ARG A 23 1.52 -0.83 -9.17
N PHE A 24 1.66 -1.44 -8.00
CA PHE A 24 0.53 -2.03 -7.30
C PHE A 24 -0.10 -1.03 -6.35
N CYS A 25 -0.98 -0.19 -6.88
CA CYS A 25 -1.72 0.74 -6.05
C CYS A 25 -3.03 0.11 -5.60
N PRO A 26 -3.10 -0.31 -4.33
CA PRO A 26 -4.28 -0.94 -3.76
C PRO A 26 -5.23 0.07 -3.12
N PRO A 27 -6.43 -0.37 -2.73
CA PRO A 27 -7.38 0.48 -2.03
C PRO A 27 -7.08 0.58 -0.54
N CYS A 28 -7.38 1.72 0.05
CA CYS A 28 -7.18 1.94 1.47
C CYS A 28 -8.26 1.24 2.28
N ALA A 29 -7.90 0.15 2.92
CA ALA A 29 -8.83 -0.65 3.71
C ALA A 29 -9.36 0.15 4.89
N CYS A 30 -8.46 0.86 5.54
CA CYS A 30 -8.79 1.73 6.67
C CYS A 30 -9.37 0.93 7.83
N SER A 1 3.57 6.66 -8.58
CA SER A 1 3.64 6.85 -7.12
C SER A 1 2.25 7.16 -6.55
N CYS A 2 1.56 6.12 -6.11
CA CYS A 2 0.25 6.28 -5.50
C CYS A 2 0.40 6.69 -4.04
N PRO A 3 -0.52 7.52 -3.52
CA PRO A 3 -0.49 7.98 -2.13
C PRO A 3 -0.76 6.85 -1.13
N PRO A 4 0.09 6.71 -0.11
CA PRO A 4 -0.09 5.70 0.92
C PRO A 4 -1.17 6.09 1.93
N CYS A 5 -1.94 5.12 2.39
CA CYS A 5 -2.99 5.36 3.36
C CYS A 5 -2.41 5.33 4.78
N PRO A 6 -2.93 6.19 5.67
CA PRO A 6 -2.56 6.19 7.09
C PRO A 6 -3.03 4.91 7.77
N CYS A 7 -3.96 4.22 7.10
CA CYS A 7 -4.43 2.93 7.56
C CYS A 7 -3.53 1.85 7.01
N THR A 8 -2.34 1.81 7.54
CA THR A 8 -1.29 0.89 7.08
C THR A 8 -1.62 -0.56 7.36
N ALA A 9 -2.68 -0.80 8.13
CA ALA A 9 -3.11 -2.15 8.49
C ALA A 9 -3.48 -2.99 7.26
N TRP A 10 -3.66 -2.32 6.12
CA TRP A 10 -3.97 -3.01 4.88
C TRP A 10 -2.73 -3.70 4.28
N CYS A 11 -2.65 -3.74 2.96
CA CYS A 11 -1.59 -4.46 2.24
C CYS A 11 -0.19 -4.01 2.69
N LEU A 12 -0.06 -2.77 3.14
CA LEU A 12 1.26 -2.22 3.50
C LEU A 12 1.84 -2.87 4.75
N GLU A 13 1.07 -3.74 5.39
CA GLU A 13 1.59 -4.50 6.53
C GLU A 13 2.54 -5.59 6.05
N ARG A 14 2.46 -5.90 4.76
CA ARG A 14 3.31 -6.91 4.16
C ARG A 14 4.53 -6.25 3.51
N PRO A 15 5.74 -6.55 4.03
CA PRO A 15 7.00 -6.02 3.50
C PRO A 15 7.14 -6.17 1.99
N THR A 16 6.61 -7.28 1.46
CA THR A 16 6.61 -7.51 0.03
C THR A 16 5.73 -6.49 -0.70
N CYS A 17 4.55 -6.27 -0.16
CA CYS A 17 3.59 -5.33 -0.75
C CYS A 17 4.14 -3.90 -0.68
N LEU A 18 4.87 -3.61 0.39
CA LEU A 18 5.48 -2.30 0.58
C LEU A 18 6.43 -1.95 -0.57
N ARG A 19 6.97 -2.97 -1.21
CA ARG A 19 7.86 -2.78 -2.35
C ARG A 19 7.08 -2.69 -3.64
N LEU A 20 6.13 -3.61 -3.80
CA LEU A 20 5.34 -3.73 -5.03
C LEU A 20 4.51 -2.48 -5.34
N VAL A 21 4.39 -1.58 -4.35
CA VAL A 21 3.53 -0.41 -4.44
C VAL A 21 3.72 0.41 -5.71
N TRP A 22 4.90 0.33 -6.35
CA TRP A 22 5.16 1.11 -7.55
C TRP A 22 4.08 0.86 -8.63
N ARG A 23 3.93 -0.39 -9.05
CA ARG A 23 2.90 -0.73 -10.01
C ARG A 23 1.63 -1.21 -9.31
N PHE A 24 1.78 -1.83 -8.14
CA PHE A 24 0.65 -2.41 -7.45
C PHE A 24 0.18 -1.50 -6.31
N CYS A 25 -0.47 -0.41 -6.66
CA CYS A 25 -1.06 0.47 -5.66
C CYS A 25 -2.57 0.59 -5.88
N PRO A 26 -3.35 -0.03 -5.00
CA PRO A 26 -4.81 -0.05 -5.10
C PRO A 26 -5.45 1.20 -4.48
N PRO A 27 -6.78 1.37 -4.63
CA PRO A 27 -7.52 2.43 -3.96
C PRO A 27 -7.34 2.38 -2.45
N CYS A 28 -7.50 3.52 -1.80
CA CYS A 28 -7.26 3.62 -0.36
C CYS A 28 -8.32 2.84 0.42
N ALA A 29 -7.92 2.27 1.54
CA ALA A 29 -8.79 1.44 2.34
C ALA A 29 -9.04 2.04 3.72
N CYS A 30 -9.22 3.35 3.76
CA CYS A 30 -9.51 4.04 5.00
C CYS A 30 -11.00 4.37 5.06
N SER A 1 2.21 8.23 -9.41
CA SER A 1 2.86 8.52 -8.13
C SER A 1 1.84 8.42 -6.99
N CYS A 2 1.53 7.20 -6.58
CA CYS A 2 0.58 6.98 -5.52
C CYS A 2 1.29 6.85 -4.17
N PRO A 3 0.96 7.76 -3.23
CA PRO A 3 1.59 7.79 -1.90
C PRO A 3 1.02 6.72 -0.98
N PRO A 4 1.83 6.26 0.00
CA PRO A 4 1.38 5.29 1.00
C PRO A 4 0.38 5.90 1.98
N CYS A 5 -0.90 5.63 1.75
CA CYS A 5 -1.97 6.15 2.60
C CYS A 5 -1.75 5.76 4.06
N PRO A 6 -2.19 6.62 5.00
CA PRO A 6 -2.12 6.36 6.45
C PRO A 6 -3.09 5.26 6.89
N CYS A 7 -3.20 4.24 6.07
CA CYS A 7 -4.10 3.12 6.31
C CYS A 7 -3.35 1.82 6.11
N THR A 8 -2.08 1.87 6.47
CA THR A 8 -1.13 0.78 6.31
C THR A 8 -1.59 -0.55 6.92
N ALA A 9 -2.65 -0.51 7.73
CA ALA A 9 -3.15 -1.69 8.45
C ALA A 9 -3.48 -2.85 7.51
N TRP A 10 -3.76 -2.54 6.26
CA TRP A 10 -4.06 -3.57 5.26
C TRP A 10 -2.78 -4.26 4.75
N CYS A 11 -2.77 -4.61 3.45
CA CYS A 11 -1.66 -5.35 2.84
C CYS A 11 -0.30 -4.68 3.08
N LEU A 12 -0.31 -3.36 3.28
CA LEU A 12 0.94 -2.60 3.42
C LEU A 12 1.67 -2.92 4.72
N GLU A 13 1.08 -3.75 5.58
CA GLU A 13 1.77 -4.16 6.80
C GLU A 13 2.91 -5.11 6.44
N ARG A 14 2.83 -5.67 5.25
CA ARG A 14 3.84 -6.59 4.76
C ARG A 14 4.77 -5.86 3.79
N PRO A 15 6.05 -5.74 4.15
CA PRO A 15 7.07 -5.06 3.32
C PRO A 15 7.11 -5.61 1.89
N THR A 16 6.83 -6.90 1.76
CA THR A 16 6.77 -7.55 0.45
C THR A 16 5.68 -6.92 -0.41
N CYS A 17 4.57 -6.59 0.23
CA CYS A 17 3.45 -5.96 -0.44
C CYS A 17 3.73 -4.48 -0.64
N LEU A 18 4.28 -3.85 0.39
CA LEU A 18 4.52 -2.41 0.41
C LEU A 18 5.52 -1.99 -0.68
N ARG A 19 6.42 -2.89 -1.05
CA ARG A 19 7.45 -2.55 -2.03
C ARG A 19 6.92 -2.63 -3.45
N LEU A 20 5.90 -3.45 -3.68
CA LEU A 20 5.39 -3.68 -5.04
C LEU A 20 4.29 -2.68 -5.39
N VAL A 21 3.62 -2.18 -4.36
CA VAL A 21 2.51 -1.25 -4.55
C VAL A 21 2.94 0.08 -5.16
N TRP A 22 4.25 0.31 -5.25
CA TRP A 22 4.77 1.52 -5.89
C TRP A 22 4.12 1.71 -7.27
N ARG A 23 4.10 0.64 -8.05
CA ARG A 23 3.40 0.64 -9.32
C ARG A 23 1.99 0.07 -9.16
N PHE A 24 1.88 -1.04 -8.44
CA PHE A 24 0.60 -1.72 -8.26
C PHE A 24 -0.08 -1.26 -6.98
N CYS A 25 -0.59 -0.05 -7.00
CA CYS A 25 -1.29 0.50 -5.85
C CYS A 25 -2.80 0.52 -6.08
N PRO A 26 -3.54 -0.29 -5.31
CA PRO A 26 -5.00 -0.30 -5.36
C PRO A 26 -5.58 0.80 -4.48
N PRO A 27 -6.91 1.01 -4.54
CA PRO A 27 -7.58 2.01 -3.69
C PRO A 27 -7.37 1.69 -2.21
N CYS A 28 -6.92 2.67 -1.46
CA CYS A 28 -6.62 2.49 -0.04
C CYS A 28 -7.90 2.23 0.75
N ALA A 29 -8.09 0.99 1.15
CA ALA A 29 -9.24 0.60 1.94
C ALA A 29 -9.09 1.06 3.39
N CYS A 30 -9.51 2.28 3.64
CA CYS A 30 -9.43 2.87 4.97
C CYS A 30 -10.75 2.68 5.71
N SER A 1 1.97 8.37 -8.59
CA SER A 1 2.45 7.47 -7.51
C SER A 1 1.47 7.48 -6.34
N CYS A 2 1.13 6.29 -5.86
CA CYS A 2 0.21 6.16 -4.73
C CYS A 2 0.97 6.29 -3.42
N PRO A 3 0.54 7.21 -2.55
CA PRO A 3 1.18 7.45 -1.25
C PRO A 3 0.81 6.40 -0.21
N PRO A 4 1.76 6.03 0.66
CA PRO A 4 1.52 5.09 1.75
C PRO A 4 0.53 5.66 2.78
N CYS A 5 -0.71 5.21 2.68
CA CYS A 5 -1.78 5.69 3.55
C CYS A 5 -1.56 5.25 5.00
N PRO A 6 -2.16 5.99 5.96
CA PRO A 6 -2.07 5.68 7.39
C PRO A 6 -2.92 4.47 7.76
N CYS A 7 -3.54 3.86 6.77
CA CYS A 7 -4.36 2.67 6.98
C CYS A 7 -3.53 1.43 6.70
N THR A 8 -2.26 1.53 7.04
CA THR A 8 -1.24 0.53 6.75
C THR A 8 -1.70 -0.91 7.03
N ALA A 9 -2.55 -1.07 8.04
CA ALA A 9 -3.05 -2.39 8.45
C ALA A 9 -3.77 -3.14 7.32
N TRP A 10 -4.11 -2.44 6.24
CA TRP A 10 -4.83 -3.06 5.13
C TRP A 10 -3.95 -4.08 4.39
N CYS A 11 -2.68 -3.76 4.21
CA CYS A 11 -1.77 -4.63 3.47
C CYS A 11 -0.34 -4.08 3.54
N LEU A 12 -0.23 -2.76 3.44
CA LEU A 12 1.08 -2.10 3.40
C LEU A 12 1.84 -2.26 4.71
N GLU A 13 1.20 -2.87 5.72
CA GLU A 13 1.89 -3.16 6.97
C GLU A 13 2.87 -4.30 6.73
N ARG A 14 2.66 -5.00 5.64
CA ARG A 14 3.55 -6.05 5.19
C ARG A 14 4.52 -5.46 4.17
N PRO A 15 5.83 -5.46 4.49
CA PRO A 15 6.87 -4.88 3.64
C PRO A 15 6.83 -5.41 2.20
N THR A 16 6.44 -6.66 2.04
CA THR A 16 6.34 -7.26 0.72
C THR A 16 5.21 -6.63 -0.10
N CYS A 17 4.16 -6.16 0.59
CA CYS A 17 3.02 -5.55 -0.07
C CYS A 17 3.36 -4.12 -0.48
N LEU A 18 4.28 -3.50 0.27
CA LEU A 18 4.73 -2.14 -0.02
C LEU A 18 5.64 -2.10 -1.23
N ARG A 19 6.21 -3.24 -1.58
CA ARG A 19 7.15 -3.33 -2.70
C ARG A 19 6.46 -3.05 -4.02
N LEU A 20 5.37 -3.77 -4.28
CA LEU A 20 4.70 -3.75 -5.58
C LEU A 20 4.01 -2.42 -5.85
N VAL A 21 3.86 -1.60 -4.81
CA VAL A 21 3.17 -0.31 -4.92
C VAL A 21 3.65 0.54 -6.09
N TRP A 22 4.94 0.44 -6.40
CA TRP A 22 5.54 1.21 -7.48
C TRP A 22 4.76 1.04 -8.80
N ARG A 23 4.54 -0.20 -9.22
CA ARG A 23 3.77 -0.46 -10.43
C ARG A 23 2.30 -0.68 -10.12
N PHE A 24 2.02 -1.43 -9.06
CA PHE A 24 0.67 -1.87 -8.77
C PHE A 24 0.21 -1.36 -7.41
N CYS A 25 -0.29 -0.14 -7.38
CA CYS A 25 -0.80 0.42 -6.14
C CYS A 25 -2.33 0.53 -6.18
N PRO A 26 -3.01 -0.29 -5.36
CA PRO A 26 -4.47 -0.27 -5.28
C PRO A 26 -4.98 0.86 -4.40
N PRO A 27 -6.28 1.17 -4.47
CA PRO A 27 -6.90 2.20 -3.65
C PRO A 27 -6.92 1.79 -2.18
N CYS A 28 -6.44 2.66 -1.31
CA CYS A 28 -6.35 2.35 0.11
C CYS A 28 -7.75 2.27 0.71
N ALA A 29 -8.27 1.05 0.79
CA ALA A 29 -9.60 0.80 1.30
C ALA A 29 -9.68 1.03 2.80
N CYS A 30 -8.54 0.92 3.45
CA CYS A 30 -8.43 1.06 4.90
C CYS A 30 -9.28 0.01 5.61
N SER A 1 4.23 6.86 -8.40
CA SER A 1 3.72 8.18 -8.01
C SER A 1 2.37 8.05 -7.29
N CYS A 2 2.30 7.11 -6.35
CA CYS A 2 1.07 6.84 -5.64
C CYS A 2 1.02 7.63 -4.34
N PRO A 3 -0.07 8.40 -4.13
CA PRO A 3 -0.27 9.17 -2.90
C PRO A 3 -0.24 8.30 -1.66
N PRO A 4 0.50 8.72 -0.62
CA PRO A 4 0.60 7.99 0.65
C PRO A 4 -0.76 7.71 1.27
N CYS A 5 -0.95 6.48 1.74
CA CYS A 5 -2.21 6.07 2.30
C CYS A 5 -2.10 5.95 3.82
N PRO A 6 -2.90 6.75 4.56
CA PRO A 6 -2.89 6.73 6.02
C PRO A 6 -3.44 5.42 6.59
N CYS A 7 -4.04 4.61 5.72
CA CYS A 7 -4.59 3.32 6.10
C CYS A 7 -3.56 2.23 5.84
N THR A 8 -2.31 2.57 6.12
CA THR A 8 -1.16 1.68 5.90
C THR A 8 -1.26 0.35 6.65
N ALA A 9 -2.22 0.22 7.56
CA ALA A 9 -2.44 -1.03 8.29
C ALA A 9 -2.93 -2.14 7.37
N TRP A 10 -3.33 -1.78 6.15
CA TRP A 10 -3.78 -2.76 5.16
C TRP A 10 -2.63 -3.64 4.66
N CYS A 11 -2.70 -4.06 3.39
CA CYS A 11 -1.70 -4.95 2.79
C CYS A 11 -0.26 -4.51 3.08
N LEU A 12 -0.03 -3.21 3.23
CA LEU A 12 1.31 -2.67 3.43
C LEU A 12 1.91 -3.06 4.79
N GLU A 13 1.15 -3.75 5.62
CA GLU A 13 1.70 -4.29 6.86
C GLU A 13 2.60 -5.48 6.54
N ARG A 14 2.45 -6.01 5.34
CA ARG A 14 3.21 -7.18 4.92
C ARG A 14 4.38 -6.77 4.04
N PRO A 15 5.61 -7.10 4.45
CA PRO A 15 6.85 -6.64 3.81
C PRO A 15 6.83 -6.67 2.29
N THR A 16 6.43 -7.80 1.71
CA THR A 16 6.45 -7.97 0.26
C THR A 16 5.50 -7.00 -0.45
N CYS A 17 4.44 -6.60 0.25
CA CYS A 17 3.42 -5.74 -0.36
C CYS A 17 3.97 -4.34 -0.55
N LEU A 18 4.94 -3.97 0.28
CA LEU A 18 5.58 -2.67 0.20
C LEU A 18 6.47 -2.55 -1.01
N ARG A 19 6.81 -3.69 -1.60
CA ARG A 19 7.72 -3.73 -2.72
C ARG A 19 7.05 -3.29 -4.02
N LEU A 20 5.94 -3.96 -4.37
CA LEU A 20 5.31 -3.75 -5.66
C LEU A 20 4.32 -2.59 -5.63
N VAL A 21 3.93 -2.18 -4.43
CA VAL A 21 2.92 -1.14 -4.24
C VAL A 21 3.28 0.18 -4.96
N TRP A 22 4.56 0.36 -5.27
CA TRP A 22 5.01 1.58 -5.96
C TRP A 22 4.24 1.78 -7.26
N ARG A 23 4.19 0.74 -8.08
CA ARG A 23 3.41 0.77 -9.31
C ARG A 23 2.01 0.16 -9.09
N PHE A 24 1.90 -0.68 -8.07
CA PHE A 24 0.66 -1.36 -7.77
C PHE A 24 0.00 -0.79 -6.53
N CYS A 25 -0.61 0.37 -6.66
CA CYS A 25 -1.31 0.99 -5.55
C CYS A 25 -2.82 0.94 -5.76
N PRO A 26 -3.51 0.13 -4.96
CA PRO A 26 -4.97 0.02 -5.00
C PRO A 26 -5.65 1.05 -4.10
N PRO A 27 -6.99 1.15 -4.16
CA PRO A 27 -7.75 2.02 -3.25
C PRO A 27 -7.59 1.58 -1.80
N CYS A 28 -7.46 2.55 -0.90
CA CYS A 28 -7.25 2.26 0.51
C CYS A 28 -8.43 1.50 1.11
N ALA A 29 -8.14 0.28 1.56
CA ALA A 29 -9.14 -0.56 2.17
C ALA A 29 -8.75 -0.90 3.60
N CYS A 30 -9.49 -0.37 4.55
CA CYS A 30 -9.19 -0.59 5.95
C CYS A 30 -9.98 -1.78 6.49
#